data_4MAI
#
_entry.id   4MAI
#
_cell.length_a   56.269
_cell.length_b   60.629
_cell.length_c   65.176
_cell.angle_alpha   90.000
_cell.angle_beta   90.000
_cell.angle_gamma   90.000
#
_symmetry.space_group_name_H-M   'P 21 21 21'
#
loop_
_entity.id
_entity.type
_entity.pdbx_description
1 polymer 'AA11 Lytic Polysaccharide Monooxygenase'
2 non-polymer 'COPPER (I) ION'
3 non-polymer 1,2-ETHANEDIOL
4 non-polymer 'CHLORIDE ION'
5 water water
#
_entity_poly.entity_id   1
_entity_poly.type   'polypeptide(L)'
_entity_poly.pdbx_seq_one_letter_code
;HMMMAQPVPYGKDTLNNSPLAADGSDFPCKLRSNTYQVTEENTAAIGQSMPLSFIGSAVHGGGSCQVSLTTDREPTKDSK
WIVIKSIEGGCPANVDGNLSGGPTSTGASKFTYTIPEGIEPGKYTLAWTWFNRIGNREMYMNCAPLTVTGSSSKRDEVPK
EKTVEKRSANFPPMFVANVNGCTTKEGVDIRFPNPGSIVEYAGDKSNLAAEGSQAC
;
_entity_poly.pdbx_strand_id   A
#
loop_
_chem_comp.id
_chem_comp.type
_chem_comp.name
_chem_comp.formula
CL non-polymer 'CHLORIDE ION' 'Cl -1'
CU1 non-polymer 'COPPER (I) ION' 'Cu 1'
EDO non-polymer 1,2-ETHANEDIOL 'C2 H6 O2'
#
# COMPACT_ATOMS: atom_id res chain seq x y z
N HIS A 1 -0.11 -11.47 -8.42
CA HIS A 1 0.44 -11.66 -7.05
C HIS A 1 1.78 -10.96 -7.03
N MET A 2 1.91 -10.03 -6.08
CA MET A 2 3.11 -9.22 -5.92
C MET A 2 3.37 -9.01 -4.43
N MET A 3 4.61 -8.62 -4.13
CA MET A 3 5.02 -8.20 -2.82
C MET A 3 6.01 -7.07 -2.93
N MET A 4 6.08 -6.30 -1.85
CA MET A 4 6.99 -5.19 -1.70
C MET A 4 8.39 -5.69 -1.34
N ALA A 5 9.36 -5.18 -2.10
CA ALA A 5 10.79 -5.42 -1.86
C ALA A 5 11.50 -4.22 -1.21
N GLN A 6 11.08 -3.01 -1.56
CA GLN A 6 11.59 -1.77 -0.99
C GLN A 6 10.37 -0.90 -0.69
N PRO A 7 10.25 -0.35 0.53
CA PRO A 7 11.06 -0.64 1.71
C PRO A 7 11.00 -2.11 2.11
N VAL A 8 11.93 -2.54 2.94
CA VAL A 8 12.03 -3.93 3.36
C VAL A 8 10.92 -4.26 4.35
N PRO A 9 10.03 -5.20 4.00
CA PRO A 9 8.91 -5.51 4.88
C PRO A 9 9.33 -6.20 6.18
N TYR A 10 8.48 -6.11 7.20
CA TYR A 10 8.64 -6.99 8.35
C TYR A 10 8.57 -8.44 7.92
N GLY A 11 9.31 -9.30 8.62
CA GLY A 11 9.18 -10.73 8.44
C GLY A 11 9.39 -11.17 7.01
N LYS A 12 10.40 -10.60 6.38
CA LYS A 12 10.63 -10.82 4.94
C LYS A 12 10.70 -12.31 4.59
N ASP A 13 11.34 -13.10 5.45
CA ASP A 13 11.55 -14.52 5.24
C ASP A 13 10.27 -15.35 5.05
N THR A 14 9.16 -14.89 5.62
CA THR A 14 7.90 -15.62 5.55
C THR A 14 6.84 -14.87 4.73
N LEU A 15 7.18 -13.72 4.19
CA LEU A 15 6.22 -12.92 3.45
C LEU A 15 6.07 -13.51 2.03
N ASN A 16 4.84 -13.72 1.63
CA ASN A 16 4.52 -14.22 0.32
C ASN A 16 3.74 -13.20 -0.51
N ASN A 17 3.48 -13.56 -1.76
CA ASN A 17 2.85 -12.65 -2.72
C ASN A 17 1.34 -12.78 -2.79
N SER A 18 0.74 -13.51 -1.86
CA SER A 18 -0.72 -13.66 -1.85
C SER A 18 -1.43 -12.43 -1.28
N PRO A 19 -2.64 -12.17 -1.77
CA PRO A 19 -3.43 -11.08 -1.21
C PRO A 19 -3.90 -11.43 0.21
N LEU A 20 -4.39 -10.41 0.90
CA LEU A 20 -5.08 -10.63 2.16
C LEU A 20 -6.20 -11.63 2.01
N ALA A 21 -6.41 -12.42 3.06
CA ALA A 21 -7.55 -13.32 3.12
C ALA A 21 -8.86 -12.55 2.92
N ALA A 22 -9.75 -13.10 2.09
CA ALA A 22 -11.03 -12.42 1.78
C ALA A 22 -11.93 -12.18 3.00
N ASP A 23 -11.82 -13.03 4.02
CA ASP A 23 -12.62 -12.89 5.23
C ASP A 23 -12.05 -11.93 6.27
N GLY A 24 -10.92 -11.30 5.97
CA GLY A 24 -10.33 -10.30 6.88
C GLY A 24 -9.47 -10.91 7.96
N SER A 25 -9.30 -12.24 7.95
CA SER A 25 -8.66 -12.95 9.05
C SER A 25 -7.18 -12.65 9.23
N ASP A 26 -6.52 -12.13 8.20
CA ASP A 26 -5.11 -11.74 8.31
C ASP A 26 -4.85 -10.28 8.01
N PHE A 27 -5.89 -9.46 8.13
CA PHE A 27 -5.74 -8.02 8.10
C PHE A 27 -5.50 -7.50 9.52
N PRO A 28 -4.55 -6.55 9.69
CA PRO A 28 -3.68 -5.96 8.69
C PRO A 28 -2.37 -6.76 8.53
N CYS A 29 -1.66 -6.48 7.45
CA CYS A 29 -0.23 -6.83 7.32
C CYS A 29 0.06 -8.32 7.12
N LYS A 30 -0.94 -9.13 6.81
CA LYS A 30 -0.76 -10.57 6.58
C LYS A 30 -0.29 -11.24 7.88
N LEU A 31 -1.16 -11.13 8.88
CA LEU A 31 -0.93 -11.73 10.19
C LEU A 31 -0.49 -13.17 10.06
N ARG A 32 0.59 -13.53 10.74
CA ARG A 32 1.20 -14.87 10.64
C ARG A 32 2.16 -15.06 11.83
N SER A 33 3.17 -15.92 11.72
CA SER A 33 4.02 -16.20 12.89
C SER A 33 4.82 -14.98 13.35
N ASN A 34 5.40 -14.26 12.39
CA ASN A 34 6.39 -13.22 12.63
C ASN A 34 6.06 -11.94 11.89
N THR A 35 4.77 -11.59 11.94
CA THR A 35 4.21 -10.47 11.20
C THR A 35 5.00 -9.18 11.33
N TYR A 36 5.57 -8.97 12.51
CA TYR A 36 6.14 -7.69 12.88
C TYR A 36 7.61 -7.82 13.28
N GLN A 37 8.25 -8.88 12.79
CA GLN A 37 9.70 -9.04 12.98
C GLN A 37 10.47 -8.07 12.10
N VAL A 38 11.34 -7.25 12.71
CA VAL A 38 12.16 -6.34 11.94
C VAL A 38 13.25 -7.16 11.25
N THR A 39 13.15 -7.24 9.93
CA THR A 39 14.23 -7.79 9.10
C THR A 39 15.31 -6.73 8.89
N GLU A 40 14.88 -5.58 8.41
CA GLU A 40 15.73 -4.41 8.26
C GLU A 40 14.89 -3.18 8.55
N GLU A 41 15.31 -2.36 9.49
CA GLU A 41 14.68 -1.07 9.74
C GLU A 41 14.94 -0.19 8.55
N ASN A 42 13.89 0.44 8.05
CA ASN A 42 13.97 1.38 6.96
C ASN A 42 14.00 2.78 7.58
N THR A 43 14.85 3.67 7.04
CA THR A 43 15.03 5.02 7.63
C THR A 43 14.86 6.07 6.55
N ALA A 44 14.12 7.13 6.89
CA ALA A 44 13.82 8.22 5.96
C ALA A 44 13.81 9.55 6.69
N ALA A 45 14.40 10.57 6.08
CA ALA A 45 14.28 11.94 6.57
C ALA A 45 13.05 12.56 5.94
N ILE A 46 12.44 13.52 6.62
CA ILE A 46 11.32 14.23 6.05
C ILE A 46 11.80 14.89 4.75
N GLY A 47 11.02 14.70 3.70
CA GLY A 47 11.30 15.29 2.38
C GLY A 47 12.22 14.48 1.47
N GLN A 48 12.78 13.38 1.98
CA GLN A 48 13.69 12.53 1.22
C GLN A 48 12.91 11.55 0.33
N SER A 49 13.22 11.51 -0.95
CA SER A 49 12.68 10.48 -1.85
C SER A 49 13.20 9.09 -1.49
N MET A 50 12.28 8.14 -1.38
CA MET A 50 12.55 6.77 -0.99
C MET A 50 12.00 5.82 -2.05
N PRO A 51 12.73 4.73 -2.35
CA PRO A 51 12.24 3.82 -3.40
C PRO A 51 11.10 2.95 -2.94
N LEU A 52 10.18 2.70 -3.86
CA LEU A 52 9.08 1.80 -3.63
C LEU A 52 9.09 0.82 -4.78
N SER A 53 9.41 -0.45 -4.52
CA SER A 53 9.47 -1.42 -5.58
C SER A 53 8.95 -2.80 -5.17
N PHE A 54 8.63 -3.59 -6.19
CA PHE A 54 7.78 -4.76 -6.06
C PHE A 54 8.33 -5.88 -6.91
N ILE A 55 8.02 -7.10 -6.48
CA ILE A 55 8.36 -8.30 -7.20
C ILE A 55 7.21 -9.28 -7.15
N GLY A 56 7.08 -10.13 -8.15
CA GLY A 56 6.04 -11.12 -8.15
C GLY A 56 5.78 -11.70 -9.50
N SER A 57 4.65 -12.39 -9.61
CA SER A 57 4.31 -13.17 -10.79
C SER A 57 3.22 -12.61 -11.68
N ALA A 58 2.43 -11.63 -11.21
CA ALA A 58 1.41 -11.01 -12.08
C ALA A 58 1.03 -9.66 -11.55
N VAL A 59 1.04 -8.67 -12.42
CA VAL A 59 0.62 -7.32 -12.05
C VAL A 59 -0.87 -7.06 -12.25
N HIS A 60 -1.59 -7.99 -12.86
CA HIS A 60 -3.06 -7.90 -12.96
C HIS A 60 -3.51 -6.57 -13.54
N GLY A 61 -2.85 -6.11 -14.60
CA GLY A 61 -3.22 -4.87 -15.27
C GLY A 61 -2.95 -3.62 -14.45
N GLY A 62 -2.19 -3.77 -13.37
CA GLY A 62 -1.95 -2.66 -12.48
C GLY A 62 -3.06 -2.49 -11.46
N GLY A 63 -3.57 -1.27 -11.39
CA GLY A 63 -4.51 -0.89 -10.35
C GLY A 63 -4.02 0.33 -9.61
N SER A 64 -4.44 0.41 -8.35
CA SER A 64 -4.22 1.59 -7.53
C SER A 64 -3.66 1.16 -6.18
N CYS A 65 -2.81 2.02 -5.64
CA CYS A 65 -2.12 1.72 -4.39
C CYS A 65 -2.09 2.91 -3.44
N GLN A 66 -1.92 2.61 -2.15
CA GLN A 66 -1.59 3.66 -1.19
C GLN A 66 -0.35 3.28 -0.42
N VAL A 67 0.28 4.32 0.10
CA VAL A 67 1.32 4.21 1.11
C VAL A 67 0.79 4.95 2.31
N SER A 68 0.75 4.25 3.44
CA SER A 68 0.14 4.74 4.66
C SER A 68 1.06 4.50 5.86
N LEU A 69 0.85 5.25 6.92
CA LEU A 69 1.60 5.12 8.16
C LEU A 69 0.68 4.92 9.34
N THR A 70 1.17 4.19 10.34
CA THR A 70 0.59 4.16 11.66
C THR A 70 1.71 4.23 12.68
N THR A 71 1.44 4.83 13.85
CA THR A 71 2.41 4.78 14.92
C THR A 71 2.53 3.40 15.57
N ASP A 72 1.57 2.52 15.34
CA ASP A 72 1.62 1.19 15.93
C ASP A 72 2.71 0.36 15.23
N ARG A 73 3.62 -0.19 16.03
CA ARG A 73 4.65 -1.09 15.51
C ARG A 73 4.18 -2.53 15.44
N GLU A 74 3.02 -2.84 16.02
CA GLU A 74 2.34 -4.11 15.82
C GLU A 74 0.85 -3.84 15.53
N PRO A 75 0.55 -3.34 14.33
CA PRO A 75 -0.83 -2.93 14.07
C PRO A 75 -1.85 -4.05 14.21
N THR A 76 -3.04 -3.66 14.65
CA THR A 76 -4.18 -4.57 14.72
C THR A 76 -5.27 -4.03 13.83
N LYS A 77 -6.38 -4.75 13.77
CA LYS A 77 -7.54 -4.32 12.96
C LYS A 77 -8.06 -2.95 13.40
N ASP A 78 -7.75 -2.52 14.62
CA ASP A 78 -8.19 -1.22 15.14
C ASP A 78 -7.18 -0.07 15.02
N SER A 79 -6.00 -0.35 14.48
CA SER A 79 -5.01 0.69 14.28
C SER A 79 -5.49 1.82 13.37
N LYS A 80 -5.00 3.03 13.62
CA LYS A 80 -5.28 4.21 12.78
C LYS A 80 -4.15 4.37 11.80
N TRP A 81 -4.50 4.38 10.53
CA TRP A 81 -3.56 4.51 9.44
C TRP A 81 -3.87 5.78 8.67
N ILE A 82 -2.83 6.55 8.32
CA ILE A 82 -2.97 7.78 7.57
C ILE A 82 -2.22 7.67 6.24
N VAL A 83 -2.81 8.17 5.18
CA VAL A 83 -2.25 8.04 3.83
C VAL A 83 -1.28 9.16 3.54
N ILE A 84 -0.09 8.80 3.05
CA ILE A 84 0.91 9.76 2.61
C ILE A 84 1.13 9.80 1.09
N LYS A 85 0.63 8.79 0.37
CA LYS A 85 0.64 8.81 -1.09
C LYS A 85 -0.43 7.88 -1.61
N SER A 86 -1.11 8.34 -2.67
CA SER A 86 -2.00 7.51 -3.48
C SER A 86 -1.46 7.45 -4.90
N ILE A 87 -1.50 6.26 -5.47
CA ILE A 87 -1.15 6.03 -6.89
C ILE A 87 -2.37 5.42 -7.55
N GLU A 88 -2.98 6.17 -8.46
CA GLU A 88 -4.22 5.74 -9.09
C GLU A 88 -3.94 5.39 -10.54
N GLY A 89 -3.91 4.09 -10.79
CA GLY A 89 -3.53 3.53 -12.08
C GLY A 89 -2.04 3.28 -12.17
N GLY A 90 -1.66 2.17 -12.83
CA GLY A 90 -0.26 1.86 -13.14
C GLY A 90 0.55 1.26 -12.03
N CYS A 91 -0.11 0.94 -10.91
CA CYS A 91 0.54 0.41 -9.75
C CYS A 91 0.14 -1.04 -9.55
N PRO A 92 1.13 -1.96 -9.39
CA PRO A 92 2.59 -1.72 -9.26
C PRO A 92 3.32 -1.59 -10.58
N ALA A 93 2.65 -1.98 -11.67
CA ALA A 93 3.15 -1.81 -13.04
C ALA A 93 1.95 -2.00 -13.96
N ASN A 94 2.12 -1.68 -15.25
CA ASN A 94 1.05 -1.89 -16.23
C ASN A 94 1.08 -3.27 -16.88
N VAL A 95 2.28 -3.84 -17.02
CA VAL A 95 2.48 -5.12 -17.67
C VAL A 95 3.44 -6.02 -16.91
N ASP A 96 3.29 -7.32 -17.13
CA ASP A 96 4.25 -8.32 -16.70
C ASP A 96 5.46 -8.29 -17.63
N GLY A 97 6.59 -8.80 -17.17
CA GLY A 97 7.74 -8.91 -18.08
C GLY A 97 9.07 -9.26 -17.45
N ASN A 98 10.00 -9.77 -18.26
CA ASN A 98 11.38 -9.99 -17.81
C ASN A 98 12.27 -8.77 -18.08
N LYS A 110 10.97 2.73 -10.22
CA LYS A 110 9.86 3.37 -10.92
C LYS A 110 9.08 4.30 -9.97
N PHE A 111 8.57 3.76 -8.87
CA PHE A 111 7.85 4.60 -7.91
C PHE A 111 8.74 5.00 -6.74
N THR A 112 8.41 6.15 -6.15
CA THR A 112 9.00 6.60 -4.91
C THR A 112 7.91 7.12 -3.98
N TYR A 113 8.25 7.31 -2.71
CA TYR A 113 7.40 8.06 -1.79
C TYR A 113 8.31 8.95 -0.95
N THR A 114 7.71 9.98 -0.38
CA THR A 114 8.39 10.89 0.50
CA THR A 114 8.42 10.86 0.55
C THR A 114 7.60 11.01 1.80
N ILE A 115 8.27 11.08 2.93
CA ILE A 115 7.60 11.40 4.18
C ILE A 115 7.37 12.91 4.16
N PRO A 116 6.10 13.35 4.16
CA PRO A 116 5.78 14.75 4.00
C PRO A 116 5.91 15.54 5.30
N GLU A 117 6.10 16.85 5.15
CA GLU A 117 5.99 17.77 6.27
C GLU A 117 4.66 17.50 6.97
N GLY A 118 4.68 17.43 8.29
CA GLY A 118 3.49 17.11 9.08
C GLY A 118 3.60 15.77 9.78
N ILE A 119 4.50 14.92 9.30
CA ILE A 119 4.81 13.67 9.99
C ILE A 119 5.99 13.93 10.95
N GLU A 120 5.78 13.63 12.22
CA GLU A 120 6.81 13.86 13.21
C GLU A 120 7.87 12.77 13.16
N PRO A 121 9.12 13.12 13.49
CA PRO A 121 10.11 12.07 13.64
C PRO A 121 9.67 11.03 14.67
N GLY A 122 10.02 9.78 14.44
CA GLY A 122 9.59 8.70 15.28
C GLY A 122 9.58 7.40 14.52
N LYS A 123 9.15 6.35 15.20
CA LYS A 123 9.04 5.04 14.61
C LYS A 123 7.59 4.75 14.22
N TYR A 124 7.43 4.15 13.05
CA TYR A 124 6.14 3.89 12.44
C TYR A 124 6.14 2.52 11.78
N THR A 125 4.94 2.05 11.45
CA THR A 125 4.76 1.04 10.44
C THR A 125 4.26 1.72 9.18
N LEU A 126 4.90 1.39 8.05
CA LEU A 126 4.45 1.81 6.71
C LEU A 126 3.74 0.61 6.06
N ALA A 127 2.61 0.87 5.42
CA ALA A 127 1.92 -0.14 4.60
C ALA A 127 1.83 0.29 3.16
N TRP A 128 2.12 -0.66 2.30
CA TRP A 128 1.72 -0.62 0.90
C TRP A 128 0.45 -1.44 0.74
N THR A 129 -0.56 -0.82 0.15
CA THR A 129 -1.80 -1.52 -0.17
C THR A 129 -2.04 -1.38 -1.68
N TRP A 130 -2.63 -2.43 -2.25
CA TRP A 130 -2.84 -2.50 -3.70
C TRP A 130 -4.16 -3.21 -4.01
N PHE A 131 -4.91 -2.54 -4.89
CA PHE A 131 -6.19 -3.03 -5.42
C PHE A 131 -5.99 -3.31 -6.91
N ASN A 132 -5.83 -4.61 -7.23
CA ASN A 132 -5.54 -5.02 -8.60
C ASN A 132 -6.69 -4.70 -9.56
N ARG A 133 -6.33 -4.22 -10.75
CA ARG A 133 -7.30 -3.83 -11.76
C ARG A 133 -8.11 -5.01 -12.30
N ILE A 134 -7.42 -6.07 -12.67
CA ILE A 134 -8.02 -7.23 -13.33
C ILE A 134 -7.94 -8.45 -12.41
N GLY A 135 -8.90 -9.35 -12.52
CA GLY A 135 -8.88 -10.61 -11.80
C GLY A 135 -9.77 -10.59 -10.59
N ASN A 136 -9.51 -11.49 -9.65
CA ASN A 136 -10.28 -11.57 -8.43
C ASN A 136 -10.25 -10.22 -7.70
N ARG A 137 -11.28 -9.96 -6.93
CA ARG A 137 -11.42 -8.70 -6.19
C ARG A 137 -10.65 -8.86 -4.88
N GLU A 138 -9.41 -8.41 -4.90
CA GLU A 138 -8.45 -8.65 -3.84
C GLU A 138 -7.89 -7.33 -3.30
N MET A 139 -7.32 -7.43 -2.09
CA MET A 139 -6.53 -6.37 -1.50
C MET A 139 -5.20 -7.00 -1.08
N TYR A 140 -4.13 -6.42 -1.58
CA TYR A 140 -2.78 -6.80 -1.19
C TYR A 140 -2.28 -5.78 -0.17
N MET A 141 -1.48 -6.25 0.80
CA MET A 141 -0.97 -5.37 1.85
C MET A 141 0.32 -5.93 2.43
N ASN A 142 1.39 -5.12 2.37
CA ASN A 142 2.64 -5.46 3.04
C ASN A 142 3.05 -4.29 3.92
N CYS A 143 3.60 -4.62 5.09
CA CYS A 143 3.96 -3.63 6.09
C CYS A 143 5.47 -3.70 6.38
N ALA A 144 6.02 -2.54 6.70
CA ALA A 144 7.45 -2.36 6.89
C ALA A 144 7.72 -1.47 8.09
N PRO A 145 8.82 -1.74 8.80
CA PRO A 145 9.23 -0.82 9.86
C PRO A 145 9.90 0.42 9.27
N LEU A 146 9.44 1.60 9.68
CA LEU A 146 9.99 2.85 9.22
C LEU A 146 10.36 3.74 10.38
N THR A 147 11.58 4.28 10.35
CA THR A 147 11.99 5.31 11.27
C THR A 147 12.12 6.61 10.50
N VAL A 148 11.37 7.61 10.94
CA VAL A 148 11.45 8.95 10.37
C VAL A 148 12.44 9.72 11.24
N THR A 149 13.53 10.15 10.64
CA THR A 149 14.65 10.60 11.45
C THR A 149 14.44 12.01 11.92
N GLY A 150 15.15 12.38 12.99
CA GLY A 150 15.04 13.68 13.64
C GLY A 150 14.66 13.59 15.11
N SER A 151 14.63 12.36 15.66
CA SER A 151 14.12 12.09 17.02
C SER A 151 15.17 11.38 17.85
N ASN A 170 -4.96 16.53 7.50
CA ASN A 170 -4.49 16.55 6.11
C ASN A 170 -4.24 15.15 5.54
N PHE A 171 -3.92 14.18 6.39
CA PHE A 171 -3.67 12.84 5.95
C PHE A 171 -4.88 11.98 6.26
N PRO A 172 -5.59 11.51 5.22
CA PRO A 172 -6.85 10.80 5.45
C PRO A 172 -6.64 9.34 5.88
N PRO A 173 -7.71 8.68 6.35
CA PRO A 173 -7.58 7.26 6.68
C PRO A 173 -7.35 6.41 5.43
N MET A 174 -6.56 5.36 5.59
CA MET A 174 -6.27 4.37 4.56
C MET A 174 -7.55 3.70 4.09
N PHE A 175 -7.68 3.57 2.77
CA PHE A 175 -8.79 2.87 2.13
C PHE A 175 -8.67 1.36 2.35
N VAL A 176 -9.79 0.71 2.65
CA VAL A 176 -9.85 -0.73 2.79
C VAL A 176 -11.04 -1.23 2.00
N ALA A 177 -10.83 -2.27 1.21
CA ALA A 177 -11.88 -2.92 0.44
C ALA A 177 -11.50 -4.38 0.18
N ASN A 178 -12.48 -5.16 -0.30
CA ASN A 178 -12.29 -6.54 -0.72
C ASN A 178 -12.00 -7.55 0.37
N VAL A 179 -11.77 -7.08 1.59
CA VAL A 179 -11.58 -7.94 2.76
C VAL A 179 -12.55 -7.61 3.89
N ASN A 180 -13.44 -6.65 3.64
CA ASN A 180 -14.36 -6.08 4.62
C ASN A 180 -15.81 -6.06 4.12
N GLY A 181 -16.11 -6.84 3.09
CA GLY A 181 -17.45 -6.80 2.50
C GLY A 181 -17.77 -5.73 1.46
N CYS A 182 -16.88 -4.74 1.33
CA CYS A 182 -16.95 -3.71 0.29
C CYS A 182 -16.16 -4.28 -0.87
N THR A 183 -16.78 -4.49 -2.02
CA THR A 183 -16.11 -5.09 -3.16
C THR A 183 -15.93 -4.06 -4.28
N THR A 184 -14.73 -3.98 -4.85
CA THR A 184 -14.49 -3.06 -5.95
C THR A 184 -14.92 -3.67 -7.29
N LYS A 185 -14.97 -2.83 -8.32
CA LYS A 185 -15.35 -3.26 -9.68
C LYS A 185 -14.14 -3.70 -10.51
N GLU A 186 -14.24 -4.84 -11.16
CA GLU A 186 -13.14 -5.34 -11.98
C GLU A 186 -12.99 -4.49 -13.23
N GLY A 187 -11.74 -4.27 -13.61
CA GLY A 187 -11.42 -3.63 -14.86
C GLY A 187 -10.93 -2.20 -14.76
N VAL A 188 -11.21 -1.55 -13.63
CA VAL A 188 -10.91 -0.14 -13.48
C VAL A 188 -9.76 0.07 -12.49
N ASP A 189 -9.03 1.14 -12.72
CA ASP A 189 -8.12 1.69 -11.74
C ASP A 189 -8.96 2.57 -10.82
N ILE A 190 -9.13 2.14 -9.57
CA ILE A 190 -10.02 2.87 -8.68
C ILE A 190 -9.44 4.23 -8.32
N ARG A 191 -10.34 5.19 -8.09
CA ARG A 191 -9.99 6.42 -7.40
C ARG A 191 -10.41 6.30 -5.95
N PHE A 192 -9.46 6.51 -5.04
CA PHE A 192 -9.76 6.48 -3.63
C PHE A 192 -10.68 7.63 -3.25
N PRO A 193 -11.71 7.37 -2.43
CA PRO A 193 -12.58 8.47 -2.01
C PRO A 193 -11.79 9.62 -1.34
N ASN A 194 -10.78 9.26 -0.54
CA ASN A 194 -9.94 10.24 0.17
C ASN A 194 -8.48 9.99 -0.21
N PRO A 195 -8.05 10.50 -1.37
CA PRO A 195 -6.71 10.15 -1.85
C PRO A 195 -5.58 10.87 -1.12
N GLY A 196 -5.90 11.94 -0.40
CA GLY A 196 -4.90 12.83 0.15
C GLY A 196 -4.38 13.79 -0.90
N SER A 197 -3.45 14.63 -0.50
CA SER A 197 -2.95 15.69 -1.36
C SER A 197 -1.79 15.28 -2.24
N ILE A 198 -1.25 14.07 -2.05
CA ILE A 198 -0.12 13.58 -2.87
C ILE A 198 -0.61 12.38 -3.68
N VAL A 199 -0.85 12.63 -4.97
CA VAL A 199 -1.46 11.63 -5.85
C VAL A 199 -0.68 11.56 -7.16
N GLU A 200 -0.40 10.34 -7.60
CA GLU A 200 0.26 10.08 -8.87
C GLU A 200 -0.66 9.22 -9.71
N TYR A 201 -0.66 9.48 -11.02
CA TYR A 201 -1.39 8.66 -11.97
C TYR A 201 -0.41 8.03 -12.94
N ALA A 202 -0.45 6.70 -13.07
CA ALA A 202 0.56 6.00 -13.86
C ALA A 202 -0.02 4.98 -14.84
N GLY A 203 -1.34 4.91 -14.96
CA GLY A 203 -2.00 3.95 -15.84
C GLY A 203 -2.52 4.57 -17.12
N ASP A 204 -3.35 3.82 -17.82
CA ASP A 204 -4.00 4.28 -19.05
C ASP A 204 -5.21 5.11 -18.63
N LYS A 205 -5.30 6.33 -19.14
CA LYS A 205 -6.40 7.21 -18.82
C LYS A 205 -7.77 6.55 -19.05
N SER A 206 -7.88 5.66 -20.03
CA SER A 206 -9.15 5.02 -20.34
C SER A 206 -9.63 4.02 -19.28
N ASN A 207 -8.76 3.63 -18.36
CA ASN A 207 -9.16 2.70 -17.29
C ASN A 207 -9.38 3.39 -15.94
N LEU A 208 -9.08 4.68 -15.88
CA LEU A 208 -9.13 5.43 -14.63
C LEU A 208 -10.57 5.76 -14.29
N ALA A 209 -10.99 5.38 -13.09
CA ALA A 209 -12.36 5.68 -12.67
C ALA A 209 -12.57 7.19 -12.66
N ALA A 210 -13.81 7.62 -12.83
CA ALA A 210 -14.13 9.04 -12.81
C ALA A 210 -13.84 9.69 -11.45
N GLU A 211 -13.44 10.96 -11.45
CA GLU A 211 -13.32 11.78 -10.23
C GLU A 211 -14.66 11.69 -9.49
N GLY A 212 -14.60 11.39 -8.20
CA GLY A 212 -15.80 11.27 -7.37
C GLY A 212 -16.57 9.97 -7.47
N SER A 213 -16.07 9.02 -8.27
CA SER A 213 -16.75 7.74 -8.41
C SER A 213 -16.71 6.96 -7.11
N GLN A 214 -17.69 6.10 -6.91
CA GLN A 214 -17.73 5.24 -5.71
C GLN A 214 -16.85 3.99 -5.94
N ALA A 215 -15.86 3.78 -5.07
CA ALA A 215 -14.88 2.70 -5.26
C ALA A 215 -15.44 1.37 -4.83
N CYS A 216 -16.32 1.37 -3.83
CA CYS A 216 -16.99 0.16 -3.40
C CYS A 216 -18.21 0.49 -2.55
CU CU1 B . -2.02 -12.53 -8.67
C1 EDO C . 1.03 11.54 13.44
O1 EDO C . 1.03 10.12 13.26
C2 EDO C . 1.99 12.17 12.44
O2 EDO C . 3.18 12.64 13.06
C1 EDO D . -11.21 -6.04 7.75
O1 EDO D . -12.15 -7.08 7.49
C2 EDO D . -11.96 -4.85 8.35
O2 EDO D . -11.30 -3.61 8.03
C1 EDO E . 8.48 -9.81 15.94
O1 EDO E . 8.44 -11.21 15.88
C2 EDO E . 9.60 -9.24 16.75
O2 EDO E . 9.40 -7.84 16.84
CL CL F . 5.20 -9.61 -13.18
#